data_9HHK
#
_entry.id   9HHK
#
_cell.length_a   85.087
_cell.length_b   85.087
_cell.length_c   91.454
_cell.angle_alpha   90.00
_cell.angle_beta   90.00
_cell.angle_gamma   120.00
#
_symmetry.space_group_name_H-M   'P 31 2 1'
#
loop_
_entity.id
_entity.type
_entity.pdbx_description
1 polymer 'Telomeric repeat-binding factor 1'
2 non-polymer GLYCEROL
3 non-polymer ~{N}-(furan-2-ylmethyl)-2-methyl-furan-3-carboxamide
4 non-polymer 'DIMETHYL SULFOXIDE'
5 water water
#
_entity_poly.entity_id   1
_entity_poly.type   'polypeptide(L)'
_entity_poly.pdbx_seq_one_letter_code
;SNAQVQVGAPEEEEEEEEDAGLVAEAEAVAAGWMLDFLCLSLCRAFRDGRSEDFRRTRNSAEAIIHGLSSLTACQLRTIY
ICQFLTRIAAGKTLDAQFENDERITPLESALMIWGSIEKEHDKLHEEIQNLIKIQAIAVCMENGNFKEAEEVFERIFGDP
NSHMPFKSKLLMIISQKDTFHSFFQHFSYNHMMEKIKSYVNYVLSEKSSTFLMKAAAKVVESKR
;
_entity_poly.pdbx_strand_id   A
#
loop_
_chem_comp.id
_chem_comp.type
_chem_comp.name
_chem_comp.formula
A1IU1 non-polymer ~{N}-(furan-2-ylmethyl)-2-methyl-furan-3-carboxamide 'C11 H11 N O3'
DMS non-polymer 'DIMETHYL SULFOXIDE' 'C2 H6 O S'
GOL non-polymer GLYCEROL 'C3 H8 O3'
#
# COMPACT_ATOMS: atom_id res chain seq x y z
N GLU A 18 -40.34 -6.45 11.90
CA GLU A 18 -38.90 -6.28 11.72
C GLU A 18 -38.41 -7.15 10.56
N ASP A 19 -37.89 -6.52 9.49
CA ASP A 19 -37.43 -7.27 8.32
C ASP A 19 -35.93 -7.52 8.34
N ALA A 20 -35.52 -8.79 8.53
CA ALA A 20 -34.13 -9.22 8.57
C ALA A 20 -33.36 -8.80 7.31
N GLY A 21 -34.00 -8.92 6.15
CA GLY A 21 -33.41 -8.55 4.88
C GLY A 21 -33.13 -7.06 4.76
N LEU A 22 -34.06 -6.21 5.22
CA LEU A 22 -33.85 -4.75 5.18
C LEU A 22 -32.78 -4.31 6.20
N VAL A 23 -32.65 -5.03 7.33
CA VAL A 23 -31.64 -4.74 8.34
C VAL A 23 -30.25 -5.09 7.77
N ALA A 24 -30.10 -6.30 7.19
CA ALA A 24 -28.84 -6.73 6.56
C ALA A 24 -28.42 -5.78 5.45
N GLU A 25 -29.40 -5.24 4.70
CA GLU A 25 -29.17 -4.26 3.62
C GLU A 25 -28.63 -2.95 4.18
N ALA A 26 -29.23 -2.43 5.27
CA ALA A 26 -28.78 -1.21 5.95
C ALA A 26 -27.38 -1.40 6.52
N GLU A 27 -27.10 -2.60 7.06
CA GLU A 27 -25.76 -2.90 7.57
C GLU A 27 -24.72 -2.96 6.46
N ALA A 28 -25.12 -3.39 5.25
CA ALA A 28 -24.20 -3.44 4.11
C ALA A 28 -23.89 -2.01 3.63
N VAL A 29 -24.93 -1.13 3.60
CA VAL A 29 -24.77 0.28 3.26
C VAL A 29 -23.75 0.94 4.23
N ALA A 30 -23.95 0.76 5.55
CA ALA A 30 -23.10 1.31 6.59
C ALA A 30 -21.68 0.79 6.51
N ALA A 31 -21.49 -0.48 6.16
CA ALA A 31 -20.15 -1.06 5.98
C ALA A 31 -19.44 -0.35 4.81
N GLY A 32 -20.18 -0.06 3.73
CA GLY A 32 -19.65 0.65 2.57
C GLY A 32 -19.18 2.05 2.94
N TRP A 33 -19.93 2.72 3.83
CA TRP A 33 -19.59 4.04 4.33
C TRP A 33 -18.34 3.95 5.24
N MET A 34 -18.31 2.97 6.15
CA MET A 34 -17.16 2.78 7.05
C MET A 34 -15.87 2.45 6.27
N LEU A 35 -15.98 1.67 5.20
CA LEU A 35 -14.83 1.35 4.36
C LEU A 35 -14.24 2.62 3.74
N ASP A 36 -15.11 3.48 3.18
CA ASP A 36 -14.63 4.73 2.57
C ASP A 36 -13.96 5.63 3.61
N PHE A 37 -14.56 5.75 4.80
CA PHE A 37 -14.04 6.57 5.88
C PHE A 37 -12.67 6.06 6.34
N LEU A 38 -12.55 4.76 6.59
CA LEU A 38 -11.30 4.16 7.05
C LEU A 38 -10.22 4.24 5.97
N CYS A 39 -10.59 4.17 4.68
CA CYS A 39 -9.61 4.31 3.61
C CYS A 39 -9.00 5.75 3.64
N LEU A 40 -9.87 6.76 3.82
CA LEU A 40 -9.52 8.17 3.91
C LEU A 40 -8.56 8.38 5.09
N SER A 41 -8.85 7.75 6.22
CA SER A 41 -8.05 7.86 7.42
C SER A 41 -6.69 7.16 7.25
N LEU A 42 -6.69 6.01 6.58
CA LEU A 42 -5.48 5.24 6.32
C LEU A 42 -4.55 6.04 5.41
N CYS A 43 -5.11 6.69 4.36
CA CYS A 43 -4.38 7.51 3.41
C CYS A 43 -3.72 8.69 4.12
N ARG A 44 -4.46 9.33 5.04
CA ARG A 44 -3.93 10.47 5.79
C ARG A 44 -2.83 10.04 6.74
N ALA A 45 -2.99 8.92 7.46
CA ALA A 45 -1.97 8.44 8.38
C ALA A 45 -0.68 8.05 7.65
N PHE A 46 -0.82 7.48 6.43
CA PHE A 46 0.30 7.10 5.58
C PHE A 46 1.06 8.36 5.15
N ARG A 47 0.34 9.38 4.67
CA ARG A 47 0.91 10.65 4.22
C ARG A 47 1.60 11.40 5.38
N ASP A 48 0.99 11.35 6.57
CA ASP A 48 1.52 12.06 7.74
C ASP A 48 2.65 11.33 8.46
N GLY A 49 2.86 10.05 8.17
CA GLY A 49 3.87 9.26 8.88
C GLY A 49 3.42 8.90 10.30
N ARG A 50 2.10 8.86 10.54
CA ARG A 50 1.55 8.50 11.85
C ARG A 50 1.39 6.99 11.90
N SER A 51 2.50 6.26 12.17
CA SER A 51 2.57 4.79 12.16
C SER A 51 1.57 4.07 13.04
N GLU A 52 1.39 4.51 14.29
CA GLU A 52 0.47 3.87 15.21
C GLU A 52 -0.96 4.06 14.76
N ASP A 53 -1.28 5.26 14.27
CA ASP A 53 -2.62 5.58 13.79
C ASP A 53 -2.90 4.73 12.54
N PHE A 54 -1.90 4.60 11.63
CA PHE A 54 -2.01 3.78 10.44
C PHE A 54 -2.31 2.31 10.83
N ARG A 55 -1.55 1.77 11.78
CA ARG A 55 -1.74 0.40 12.27
C ARG A 55 -3.16 0.20 12.81
N ARG A 56 -3.69 1.14 13.61
CA ARG A 56 -5.05 1.06 14.16
C ARG A 56 -6.13 1.12 13.10
N THR A 57 -6.00 2.06 12.15
CA THR A 57 -6.96 2.20 11.06
C THR A 57 -6.93 0.99 10.12
N ARG A 58 -5.75 0.41 9.88
CA ARG A 58 -5.57 -0.77 9.07
C ARG A 58 -6.33 -1.94 9.71
N ASN A 59 -6.18 -2.12 11.03
CA ASN A 59 -6.87 -3.17 11.78
C ASN A 59 -8.39 -2.98 11.69
N SER A 60 -8.86 -1.72 11.81
CA SER A 60 -10.29 -1.43 11.68
C SER A 60 -10.82 -1.72 10.27
N ALA A 61 -10.11 -1.27 9.22
CA ALA A 61 -10.55 -1.49 7.84
C ALA A 61 -10.62 -2.98 7.52
N GLU A 62 -9.60 -3.75 7.91
CA GLU A 62 -9.52 -5.17 7.68
C GLU A 62 -10.71 -5.88 8.35
N ALA A 63 -11.10 -5.44 9.54
CA ALA A 63 -12.22 -6.03 10.26
C ALA A 63 -13.55 -5.68 9.57
N ILE A 64 -13.73 -4.40 9.19
CA ILE A 64 -14.95 -3.89 8.59
C ILE A 64 -15.27 -4.57 7.26
N ILE A 65 -14.26 -4.81 6.41
CA ILE A 65 -14.48 -5.45 5.13
C ILE A 65 -15.02 -6.89 5.29
N HIS A 66 -14.94 -7.50 6.50
CA HIS A 66 -15.55 -8.84 6.70
C HIS A 66 -17.09 -8.76 6.69
N GLY A 67 -17.66 -7.58 6.95
CA GLY A 67 -19.10 -7.38 6.90
C GLY A 67 -19.64 -7.19 5.49
N LEU A 68 -18.78 -7.35 4.47
CA LEU A 68 -19.20 -7.25 3.09
C LEU A 68 -18.81 -8.54 2.37
N SER A 69 -19.79 -9.28 1.82
CA SER A 69 -19.49 -10.50 1.06
C SER A 69 -19.47 -10.25 -0.47
N SER A 70 -20.08 -9.13 -0.91
CA SER A 70 -20.11 -8.73 -2.31
C SER A 70 -19.66 -7.28 -2.41
N LEU A 71 -18.66 -7.00 -3.26
CA LEU A 71 -18.18 -5.64 -3.41
C LEU A 71 -18.38 -5.13 -4.84
N THR A 72 -18.63 -3.83 -4.99
CA THR A 72 -18.74 -3.23 -6.32
C THR A 72 -17.31 -2.99 -6.86
N ALA A 73 -17.17 -2.59 -8.14
CA ALA A 73 -15.85 -2.29 -8.72
C ALA A 73 -15.11 -1.20 -7.92
N CYS A 74 -15.82 -0.15 -7.47
N CYS A 74 -15.82 -0.15 -7.47
CA CYS A 74 -15.23 0.95 -6.69
CA CYS A 74 -15.24 0.95 -6.70
C CYS A 74 -14.75 0.43 -5.33
C CYS A 74 -14.80 0.49 -5.31
N GLN A 75 -15.55 -0.45 -4.70
CA GLN A 75 -15.21 -1.00 -3.38
C GLN A 75 -13.98 -1.90 -3.44
N LEU A 76 -13.78 -2.62 -4.56
CA LEU A 76 -12.64 -3.50 -4.76
C LEU A 76 -11.40 -2.63 -4.91
N ARG A 77 -11.47 -1.56 -5.70
CA ARG A 77 -10.36 -0.62 -5.90
C ARG A 77 -9.92 -0.05 -4.53
N THR A 78 -10.90 0.32 -3.69
CA THR A 78 -10.68 0.82 -2.35
C THR A 78 -9.95 -0.19 -1.44
N ILE A 79 -10.40 -1.45 -1.38
CA ILE A 79 -9.73 -2.44 -0.54
C ILE A 79 -8.32 -2.75 -1.09
N TYR A 80 -8.11 -2.74 -2.42
CA TYR A 80 -6.79 -3.04 -2.97
C TYR A 80 -5.80 -1.88 -2.71
N ILE A 81 -6.30 -0.61 -2.67
CA ILE A 81 -5.46 0.53 -2.31
C ILE A 81 -5.02 0.34 -0.84
N CYS A 82 -5.97 -0.05 0.04
CA CYS A 82 -5.66 -0.27 1.44
C CYS A 82 -4.64 -1.39 1.66
N GLN A 83 -4.78 -2.50 0.91
CA GLN A 83 -3.89 -3.65 0.97
C GLN A 83 -2.49 -3.26 0.48
N PHE A 84 -2.42 -2.47 -0.60
CA PHE A 84 -1.17 -2.00 -1.16
C PHE A 84 -0.41 -1.15 -0.13
N LEU A 85 -1.11 -0.21 0.50
CA LEU A 85 -0.49 0.65 1.51
C LEU A 85 -0.02 -0.16 2.72
N THR A 86 -0.75 -1.21 3.10
CA THR A 86 -0.41 -2.10 4.20
C THR A 86 0.93 -2.76 3.93
N ARG A 87 1.13 -3.23 2.70
CA ARG A 87 2.37 -3.87 2.28
C ARG A 87 3.53 -2.90 2.21
N ILE A 88 3.31 -1.68 1.67
CA ILE A 88 4.33 -0.66 1.60
C ILE A 88 4.78 -0.27 3.01
N ALA A 89 3.83 -0.08 3.94
CA ALA A 89 4.16 0.31 5.31
C ALA A 89 4.95 -0.76 6.05
N ALA A 90 4.78 -2.03 5.67
CA ALA A 90 5.51 -3.14 6.24
C ALA A 90 6.82 -3.45 5.45
N GLY A 91 7.20 -2.60 4.49
CA GLY A 91 8.37 -2.78 3.63
C GLY A 91 9.66 -3.15 4.32
N LYS A 92 9.97 -2.53 5.47
CA LYS A 92 11.21 -2.83 6.19
C LYS A 92 11.01 -3.76 7.41
N THR A 93 9.80 -4.34 7.58
CA THR A 93 9.48 -5.22 8.69
C THR A 93 9.63 -6.70 8.33
N LEU A 94 10.34 -7.47 9.17
CA LEU A 94 10.56 -8.90 8.96
C LEU A 94 9.49 -9.78 9.63
N ASP A 95 8.51 -10.25 8.84
CA ASP A 95 7.42 -11.08 9.34
C ASP A 95 7.55 -12.51 8.83
N ALA A 96 7.94 -13.41 9.73
CA ALA A 96 8.25 -14.78 9.34
C ALA A 96 6.98 -15.51 8.93
N GLN A 97 5.87 -15.30 9.69
CA GLN A 97 4.57 -15.92 9.41
C GLN A 97 4.03 -15.48 8.03
N PHE A 98 4.42 -14.27 7.55
CA PHE A 98 4.04 -13.74 6.25
C PHE A 98 4.95 -14.32 5.18
N GLU A 99 6.28 -14.33 5.41
CA GLU A 99 7.24 -14.90 4.46
C GLU A 99 6.99 -16.40 4.23
N ASN A 100 6.49 -17.11 5.24
CA ASN A 100 6.20 -18.54 5.13
C ASN A 100 4.85 -18.79 4.42
N ASP A 101 3.91 -17.83 4.47
CA ASP A 101 2.60 -17.99 3.86
C ASP A 101 2.60 -17.52 2.40
N GLU A 102 3.28 -16.42 2.11
CA GLU A 102 3.37 -15.86 0.76
C GLU A 102 4.61 -16.30 -0.04
N ARG A 103 5.73 -16.64 0.62
CA ARG A 103 6.96 -17.04 -0.10
C ARG A 103 7.89 -15.84 -0.42
N ILE A 104 7.37 -14.61 -0.26
CA ILE A 104 7.90 -13.35 -0.79
C ILE A 104 7.91 -12.27 0.31
N THR A 105 8.58 -11.15 0.07
CA THR A 105 8.64 -10.04 1.01
C THR A 105 7.44 -9.09 0.83
N PRO A 106 7.16 -8.26 1.84
CA PRO A 106 6.05 -7.30 1.72
C PRO A 106 6.09 -6.37 0.48
N LEU A 107 7.27 -5.92 0.05
CA LEU A 107 7.38 -5.04 -1.11
C LEU A 107 7.09 -5.76 -2.42
N GLU A 108 7.42 -7.06 -2.50
CA GLU A 108 7.07 -7.90 -3.65
C GLU A 108 5.54 -8.13 -3.68
N SER A 109 4.91 -8.23 -2.52
CA SER A 109 3.48 -8.41 -2.39
C SER A 109 2.75 -7.09 -2.79
N ALA A 110 3.33 -5.92 -2.42
CA ALA A 110 2.83 -4.61 -2.82
C ALA A 110 2.91 -4.47 -4.35
N LEU A 111 3.96 -4.98 -4.96
CA LEU A 111 4.19 -4.97 -6.40
C LEU A 111 3.13 -5.79 -7.14
N MET A 112 2.73 -6.95 -6.61
CA MET A 112 1.68 -7.77 -7.19
C MET A 112 0.34 -7.07 -7.12
N ILE A 113 0.06 -6.37 -6.01
CA ILE A 113 -1.21 -5.67 -5.86
C ILE A 113 -1.24 -4.50 -6.82
N TRP A 114 -0.14 -3.72 -6.85
CA TRP A 114 0.04 -2.57 -7.71
C TRP A 114 -0.20 -2.89 -9.19
N GLY A 115 0.33 -4.01 -9.66
CA GLY A 115 0.17 -4.41 -11.04
C GLY A 115 -1.21 -4.95 -11.38
N SER A 116 -2.07 -5.20 -10.37
CA SER A 116 -3.41 -5.73 -10.63
C SER A 116 -4.57 -4.78 -10.33
N ILE A 117 -4.37 -3.65 -9.64
CA ILE A 117 -5.46 -2.71 -9.36
C ILE A 117 -6.05 -2.17 -10.66
N GLU A 118 -7.38 -1.96 -10.72
CA GLU A 118 -8.01 -1.41 -11.90
C GLU A 118 -7.76 0.11 -11.94
N LYS A 119 -6.61 0.50 -12.48
CA LYS A 119 -6.20 1.90 -12.57
C LYS A 119 -5.36 2.13 -13.83
N GLU A 120 -5.21 3.41 -14.25
CA GLU A 120 -4.43 3.70 -15.46
C GLU A 120 -2.93 3.53 -15.23
N HIS A 121 -2.25 2.92 -16.21
CA HIS A 121 -0.81 2.72 -16.16
C HIS A 121 -0.16 3.93 -16.83
N ASP A 122 -0.12 5.05 -16.10
CA ASP A 122 0.44 6.33 -16.50
C ASP A 122 1.93 6.44 -16.08
N LYS A 123 2.57 7.63 -16.25
CA LYS A 123 3.97 7.82 -15.85
C LYS A 123 4.17 7.55 -14.37
N LEU A 124 3.27 8.06 -13.51
CA LEU A 124 3.34 7.85 -12.07
C LEU A 124 3.25 6.37 -11.71
N HIS A 125 2.42 5.58 -12.41
CA HIS A 125 2.29 4.13 -12.15
C HIS A 125 3.61 3.42 -12.42
N GLU A 126 4.26 3.74 -13.55
CA GLU A 126 5.54 3.16 -13.94
C GLU A 126 6.62 3.58 -12.95
N GLU A 127 6.62 4.86 -12.51
CA GLU A 127 7.62 5.34 -11.57
C GLU A 127 7.53 4.60 -10.24
N ILE A 128 6.32 4.47 -9.69
CA ILE A 128 6.09 3.76 -8.43
C ILE A 128 6.49 2.28 -8.59
N GLN A 129 6.08 1.64 -9.69
CA GLN A 129 6.43 0.24 -9.95
C GLN A 129 7.94 -0.01 -9.92
N ASN A 130 8.72 0.80 -10.64
CA ASN A 130 10.17 0.66 -10.71
C ASN A 130 10.85 0.97 -9.38
N LEU A 131 10.34 1.96 -8.64
CA LEU A 131 10.88 2.27 -7.32
C LEU A 131 10.65 1.12 -6.34
N ILE A 132 9.48 0.44 -6.41
CA ILE A 132 9.18 -0.70 -5.54
C ILE A 132 10.07 -1.88 -5.89
N LYS A 133 10.26 -2.18 -7.20
CA LYS A 133 11.13 -3.27 -7.66
C LYS A 133 12.55 -3.13 -7.10
N ILE A 134 13.10 -1.91 -7.12
CA ILE A 134 14.46 -1.67 -6.64
C ILE A 134 14.52 -1.71 -5.13
N GLN A 135 13.54 -1.07 -4.46
CA GLN A 135 13.51 -1.06 -3.01
C GLN A 135 13.24 -2.43 -2.41
N ALA A 136 12.57 -3.35 -3.14
CA ALA A 136 12.37 -4.70 -2.62
C ALA A 136 13.73 -5.40 -2.40
N ILE A 137 14.71 -5.09 -3.27
CA ILE A 137 16.09 -5.58 -3.14
C ILE A 137 16.84 -4.73 -2.09
N ALA A 138 16.82 -3.39 -2.22
CA ALA A 138 17.56 -2.50 -1.32
C ALA A 138 17.21 -2.63 0.16
N VAL A 139 15.93 -2.88 0.52
CA VAL A 139 15.60 -2.99 1.95
C VAL A 139 16.24 -4.25 2.57
N CYS A 140 16.47 -5.30 1.78
CA CYS A 140 17.12 -6.52 2.25
C CYS A 140 18.60 -6.24 2.52
N MET A 141 19.24 -5.43 1.66
CA MET A 141 20.63 -5.01 1.82
C MET A 141 20.76 -4.12 3.05
N GLU A 142 19.80 -3.18 3.26
CA GLU A 142 19.77 -2.28 4.41
C GLU A 142 19.74 -3.11 5.72
N ASN A 143 18.98 -4.22 5.71
CA ASN A 143 18.86 -5.13 6.84
C ASN A 143 20.00 -6.16 6.98
N GLY A 144 20.97 -6.14 6.07
CA GLY A 144 22.11 -7.04 6.11
C GLY A 144 21.88 -8.44 5.59
N ASN A 145 20.75 -8.66 4.91
N ASN A 145 20.74 -8.68 4.92
CA ASN A 145 20.38 -9.95 4.36
CA ASN A 145 20.45 -10.00 4.36
C ASN A 145 20.61 -9.95 2.83
C ASN A 145 20.63 -9.96 2.85
N PHE A 146 21.86 -10.17 2.41
CA PHE A 146 22.25 -10.14 1.01
C PHE A 146 21.85 -11.40 0.23
N LYS A 147 21.72 -12.56 0.91
CA LYS A 147 21.22 -13.76 0.27
C LYS A 147 19.73 -13.51 -0.09
N GLU A 148 18.97 -12.88 0.81
CA GLU A 148 17.57 -12.56 0.54
C GLU A 148 17.45 -11.56 -0.57
N ALA A 149 18.34 -10.54 -0.61
CA ALA A 149 18.35 -9.53 -1.67
C ALA A 149 18.53 -10.20 -3.04
N GLU A 150 19.35 -11.27 -3.12
CA GLU A 150 19.56 -12.04 -4.35
C GLU A 150 18.35 -12.90 -4.69
N GLU A 151 17.63 -13.40 -3.68
CA GLU A 151 16.44 -14.20 -3.91
C GLU A 151 15.31 -13.31 -4.44
N VAL A 152 15.16 -12.10 -3.86
CA VAL A 152 14.20 -11.08 -4.29
C VAL A 152 14.53 -10.69 -5.75
N PHE A 153 15.82 -10.42 -6.03
CA PHE A 153 16.25 -10.08 -7.40
C PHE A 153 15.84 -11.16 -8.41
N GLU A 154 16.05 -12.43 -8.06
CA GLU A 154 15.72 -13.56 -8.91
C GLU A 154 14.20 -13.66 -9.15
N ARG A 155 13.37 -13.40 -8.14
CA ARG A 155 11.92 -13.46 -8.30
C ARG A 155 11.36 -12.31 -9.16
N ILE A 156 11.93 -11.11 -9.09
CA ILE A 156 11.46 -9.96 -9.86
C ILE A 156 12.09 -9.88 -11.27
N PHE A 157 13.41 -10.12 -11.36
CA PHE A 157 14.19 -10.00 -12.60
C PHE A 157 14.70 -11.35 -13.17
N GLY A 158 13.97 -12.42 -12.91
CA MET A 164 20.61 -8.42 -19.73
C MET A 164 21.68 -7.55 -19.08
N PRO A 165 22.19 -6.52 -19.80
CA PRO A 165 23.23 -5.65 -19.22
C PRO A 165 22.82 -4.91 -17.95
N PHE A 166 21.53 -4.53 -17.82
CA PHE A 166 21.05 -3.86 -16.60
C PHE A 166 20.95 -4.88 -15.46
N LYS A 167 20.44 -6.09 -15.76
CA LYS A 167 20.29 -7.13 -14.76
C LYS A 167 21.65 -7.56 -14.20
N SER A 168 22.67 -7.66 -15.08
CA SER A 168 24.04 -8.01 -14.66
C SER A 168 24.59 -6.95 -13.74
N LYS A 169 24.35 -5.66 -14.04
CA LYS A 169 24.81 -4.54 -13.21
C LYS A 169 24.15 -4.61 -11.85
N LEU A 170 22.81 -4.74 -11.81
CA LEU A 170 22.07 -4.80 -10.55
C LEU A 170 22.52 -5.97 -9.69
N LEU A 171 22.70 -7.15 -10.30
CA LEU A 171 23.16 -8.33 -9.57
C LEU A 171 24.61 -8.17 -9.07
N MET A 172 25.48 -7.49 -9.82
CA MET A 172 26.87 -7.26 -9.38
C MET A 172 26.88 -6.36 -8.15
N ILE A 173 26.07 -5.31 -8.17
CA ILE A 173 25.88 -4.35 -7.07
C ILE A 173 25.44 -5.09 -5.77
N ILE A 174 24.46 -6.03 -5.88
CA ILE A 174 23.99 -6.82 -4.73
C ILE A 174 25.13 -7.70 -4.22
N SER A 175 25.83 -8.36 -5.13
CA SER A 175 26.94 -9.26 -4.82
C SER A 175 28.12 -8.55 -4.14
N GLN A 176 28.34 -7.30 -4.48
CA GLN A 176 29.41 -6.49 -3.89
C GLN A 176 28.94 -5.76 -2.61
N LYS A 177 27.73 -6.05 -2.09
CA LYS A 177 27.16 -5.37 -0.92
C LYS A 177 27.27 -3.83 -1.05
N ASP A 178 27.09 -3.34 -2.29
CA ASP A 178 27.24 -1.94 -2.64
C ASP A 178 25.91 -1.20 -2.44
N THR A 179 25.45 -1.18 -1.21
CA THR A 179 24.17 -0.62 -0.78
C THR A 179 24.00 0.83 -1.14
N PHE A 180 25.09 1.61 -1.07
CA PHE A 180 25.00 3.04 -1.29
C PHE A 180 25.43 3.47 -2.69
N HIS A 181 25.45 2.52 -3.66
CA HIS A 181 25.74 2.76 -5.09
C HIS A 181 24.78 3.86 -5.59
N SER A 182 25.26 4.74 -6.47
CA SER A 182 24.48 5.85 -7.01
C SER A 182 23.10 5.47 -7.53
N PHE A 183 22.96 4.27 -8.14
CA PHE A 183 21.70 3.74 -8.67
C PHE A 183 20.69 3.59 -7.54
N PHE A 184 21.13 3.06 -6.39
CA PHE A 184 20.30 2.88 -5.22
C PHE A 184 19.95 4.21 -4.57
N GLN A 185 20.82 5.21 -4.68
CA GLN A 185 20.57 6.55 -4.16
C GLN A 185 19.52 7.25 -5.03
N HIS A 186 19.52 7.02 -6.35
CA HIS A 186 18.52 7.59 -7.24
C HIS A 186 17.17 6.85 -7.06
N PHE A 187 17.19 5.51 -6.99
CA PHE A 187 15.97 4.72 -6.80
C PHE A 187 15.86 4.38 -5.31
N SER A 188 15.78 5.41 -4.48
CA SER A 188 15.80 5.29 -3.04
C SER A 188 14.46 5.05 -2.38
N TYR A 189 14.50 4.75 -1.08
CA TYR A 189 13.34 4.51 -0.28
C TYR A 189 12.54 5.79 -0.11
N ASN A 190 13.24 6.90 0.12
CA ASN A 190 12.60 8.20 0.28
C ASN A 190 11.91 8.60 -1.02
N HIS A 191 12.54 8.33 -2.18
CA HIS A 191 11.95 8.64 -3.49
C HIS A 191 10.74 7.77 -3.75
N MET A 192 10.80 6.49 -3.34
CA MET A 192 9.67 5.58 -3.46
C MET A 192 8.51 6.10 -2.59
N MET A 193 8.79 6.45 -1.34
CA MET A 193 7.78 6.99 -0.42
C MET A 193 7.15 8.28 -0.93
N GLU A 194 7.95 9.23 -1.44
CA GLU A 194 7.43 10.48 -1.99
C GLU A 194 6.49 10.24 -3.19
N LYS A 195 6.87 9.36 -4.13
CA LYS A 195 6.07 9.06 -5.31
C LYS A 195 4.78 8.38 -4.93
N ILE A 196 4.84 7.46 -3.95
CA ILE A 196 3.64 6.77 -3.48
C ILE A 196 2.72 7.79 -2.77
N LYS A 197 3.30 8.71 -1.98
CA LYS A 197 2.55 9.76 -1.29
C LYS A 197 1.83 10.67 -2.26
N SER A 198 2.43 10.94 -3.43
N SER A 198 2.42 10.95 -3.43
CA SER A 198 1.77 11.77 -4.46
CA SER A 198 1.76 11.79 -4.43
C SER A 198 0.52 11.06 -4.97
C SER A 198 0.53 11.07 -5.00
N TYR A 199 0.60 9.74 -5.15
CA TYR A 199 -0.55 8.95 -5.61
C TYR A 199 -1.63 8.98 -4.50
N VAL A 200 -1.22 8.82 -3.24
CA VAL A 200 -2.14 8.82 -2.11
C VAL A 200 -2.91 10.13 -2.02
N ASN A 201 -2.29 11.27 -2.41
CA ASN A 201 -2.96 12.56 -2.40
C ASN A 201 -4.13 12.63 -3.39
N TYR A 202 -4.06 11.87 -4.51
CA TYR A 202 -5.16 11.85 -5.48
C TYR A 202 -6.32 11.01 -4.89
N VAL A 203 -6.00 9.88 -4.22
CA VAL A 203 -6.98 9.03 -3.56
C VAL A 203 -7.66 9.81 -2.44
N LEU A 204 -6.87 10.50 -1.64
CA LEU A 204 -7.32 11.32 -0.52
C LEU A 204 -8.30 12.40 -1.00
N SER A 205 -7.98 13.07 -2.12
N SER A 205 -7.98 13.08 -2.11
CA SER A 205 -8.85 14.11 -2.66
CA SER A 205 -8.85 14.12 -2.64
C SER A 205 -10.14 13.51 -3.22
C SER A 205 -10.13 13.53 -3.24
N GLU A 206 -10.02 12.36 -3.90
CA GLU A 206 -11.17 11.67 -4.49
C GLU A 206 -12.20 11.21 -3.44
N LYS A 207 -11.72 10.85 -2.24
CA LYS A 207 -12.58 10.37 -1.15
C LYS A 207 -12.88 11.37 -0.03
N SER A 208 -12.24 12.56 -0.05
N SER A 208 -12.23 12.55 -0.04
CA SER A 208 -12.38 13.61 0.96
CA SER A 208 -12.40 13.57 1.01
C SER A 208 -13.82 14.03 1.25
C SER A 208 -13.83 14.03 1.25
N SER A 209 -14.72 13.79 0.29
CA SER A 209 -16.11 14.18 0.41
C SER A 209 -17.06 13.00 0.66
N THR A 210 -16.55 11.80 1.00
CA THR A 210 -17.42 10.65 1.27
C THR A 210 -18.35 10.93 2.46
N PHE A 211 -19.53 10.30 2.47
CA PHE A 211 -20.58 10.49 3.46
C PHE A 211 -20.12 10.61 4.93
N LEU A 212 -19.43 9.61 5.45
CA LEU A 212 -19.06 9.58 6.86
C LEU A 212 -18.15 10.75 7.28
N MET A 213 -17.04 10.96 6.57
CA MET A 213 -16.13 12.07 6.88
C MET A 213 -16.82 13.41 6.68
N LYS A 214 -17.67 13.53 5.67
CA LYS A 214 -18.37 14.77 5.37
C LYS A 214 -19.32 15.10 6.51
N ALA A 215 -20.12 14.13 6.97
CA ALA A 215 -21.05 14.33 8.08
C ALA A 215 -20.30 14.66 9.37
N ALA A 216 -19.20 13.94 9.64
CA ALA A 216 -18.37 14.18 10.82
C ALA A 216 -17.77 15.59 10.80
N ALA A 217 -17.32 16.08 9.63
CA ALA A 217 -16.76 17.41 9.52
C ALA A 217 -17.82 18.45 9.83
N LYS A 218 -19.07 18.25 9.36
CA LYS A 218 -20.16 19.20 9.62
C LYS A 218 -20.43 19.35 11.11
N VAL A 219 -20.32 18.25 11.87
CA VAL A 219 -20.52 18.26 13.31
C VAL A 219 -19.42 19.07 13.99
N VAL A 220 -18.15 18.80 13.60
CA VAL A 220 -16.98 19.51 14.13
C VAL A 220 -17.06 21.03 13.85
N GLU A 221 -17.44 21.43 12.62
CA GLU A 221 -17.56 22.86 12.29
C GLU A 221 -18.67 23.54 13.09
N SER A 222 -19.74 22.79 13.43
CA SER A 222 -20.83 23.36 14.23
C SER A 222 -20.42 23.57 15.71
N LYS A 223 -19.34 22.92 16.17
CA LYS A 223 -18.84 23.04 17.54
C LYS A 223 -17.87 24.22 17.71
N ARG A 224 -18.11 25.34 17.01
C1 GOL B . 2.71 4.00 8.04
O1 GOL B . 3.49 3.35 9.04
C2 GOL B . 3.30 5.32 7.64
O2 GOL B . 4.10 5.84 8.71
C3 GOL B . 4.13 5.24 6.38
O3 GOL B . 4.38 6.54 5.85
N1 A1IU1 C . -5.67 -6.25 4.84
C4 A1IU1 C . -6.06 -3.45 5.41
C5 A1IU1 C . -6.95 -4.27 4.67
C6 A1IU1 C . -6.81 -5.70 4.42
C7 A1IU1 C . -5.26 -7.58 4.41
C8 A1IU1 C . -4.20 -7.54 3.39
C10 A1IU1 C . -2.49 -7.15 2.02
C1 A1IU1 C . -9.21 -3.66 3.46
C2 A1IU1 C . -7.97 -3.47 4.25
O1 A1IU1 C . -7.76 -2.20 4.72
C3 A1IU1 C . -6.56 -2.22 5.42
O2 A1IU1 C . -7.67 -6.36 3.81
C9 A1IU1 C . -3.15 -6.73 3.20
C11 A1IU1 C . -3.21 -8.22 1.54
O3 A1IU1 C . -4.28 -8.46 2.37
S DMS D . 13.04 -7.64 4.56
O DMS D . 14.44 -7.77 5.10
C1 DMS D . 12.12 -6.53 5.63
C2 DMS D . 12.13 -9.12 5.09
S DMS E . 14.03 0.17 -13.26
O DMS E . 13.80 -0.73 -12.08
C1 DMS E . 15.71 0.80 -13.16
C2 DMS E . 14.31 -0.87 -14.71
#